data_3CHS
#
_entry.id   3CHS
#
_cell.length_a   67.618
_cell.length_b   133.266
_cell.length_c   83.644
_cell.angle_alpha   90.00
_cell.angle_beta   90.00
_cell.angle_gamma   90.00
#
_symmetry.space_group_name_H-M   'P 21 21 2'
#
loop_
_entity.id
_entity.type
_entity.pdbx_description
1 polymer 'Leukotriene A-4 hydrolase'
2 non-polymer 'ZINC ION'
3 non-polymer 'YTTERBIUM (III) ION'
4 non-polymer IMIDAZOLE
5 non-polymer '(2S)-2-amino-5-[[4-[(2S)-2-hydroxy-2-phenyl-ethoxy]phenyl]amino]-5-oxo-pentanoic acid'
6 water water
#
_entity_poly.entity_id   1
_entity_poly.type   'polypeptide(L)'
_entity_poly.pdbx_seq_one_letter_code
;PEIVDTCSLASPASVCRTKHLHLRCSVDFTRRTLTGTAALTVQSQEDNLRSLVLDTKDLTIEKVVINGQEVKYALGERQS
YKGSPMEISLPIALSKNQEIVIEISFETSPKSSALQWLTPEQTSGKEHPYLFSQCQAIHCRAILPCQDTPSVKLTYTAEV
SVPKELVALMSAIRDGETPDPEDPSRKIYKFIQKVPIPCYLIALVVGALESRQIGPRTLVWSEKEQVEKSAYEFSETESM
LKIAEDLGGPYVWGQYDLLVLPPSFPYGGMENPCLTFVTPTLLAGDKSLSNVIAHEISHSWTGNLVTNKTWDHFWLNEGH
TVYLERHICGRLFGEKFRHFNALGGWGELQNSVKTFGETHPFTKLVVDLTDIDPDVAYSSVPYEKGFALLFYLEQLLGGP
EIFLGFLKAYVEKFSYKSITTDDWKDFLYSYFKDKVDVLNQVDWNAWLYSPGLPPIKPNYDMTLTNACIALSQRWITAKE
DDLNSFNATDLKDLSSHQLNEFLAQTLQRAPLPLGHIKRMQEVYNFNAINNSEIRFRWLRLCIQSKWEDAIPLALKMATE
QGRMKFTRPLFKDLAAFDKSHDQAVRTYQEHKASMHPVTAMLVGKDLKVD
;
_entity_poly.pdbx_strand_id   A
#
loop_
_chem_comp.id
_chem_comp.type
_chem_comp.name
_chem_comp.formula
4BU non-polymer '(2S)-2-amino-5-[[4-[(2S)-2-hydroxy-2-phenyl-ethoxy]phenyl]amino]-5-oxo-pentanoic acid' 'C19 H22 N2 O5'
IMD non-polymer IMIDAZOLE 'C3 H5 N2 1'
YB non-polymer 'YTTERBIUM (III) ION' 'Yb 3'
ZN non-polymer 'ZINC ION' 'Zn 2'
#
# COMPACT_ATOMS: atom_id res chain seq x y z
N PRO A 1 22.31 12.10 -19.85
CA PRO A 1 21.59 11.41 -18.74
C PRO A 1 20.24 10.81 -19.16
N GLU A 2 20.02 9.54 -18.82
CA GLU A 2 18.82 8.79 -19.22
C GLU A 2 18.54 7.65 -18.26
N ILE A 3 17.27 7.47 -17.87
CA ILE A 3 16.89 6.44 -16.89
C ILE A 3 15.64 5.66 -17.34
N VAL A 4 15.75 4.33 -17.37
CA VAL A 4 14.68 3.44 -17.87
C VAL A 4 14.06 2.59 -16.75
N ASP A 5 12.74 2.42 -16.80
CA ASP A 5 12.01 1.59 -15.85
C ASP A 5 12.08 0.10 -16.24
N THR A 6 12.79 -0.68 -15.43
CA THR A 6 13.03 -2.10 -15.71
C THR A 6 11.87 -3.00 -15.32
N CYS A 7 10.81 -2.42 -14.76
CA CYS A 7 9.59 -3.15 -14.43
C CYS A 7 8.54 -3.01 -15.54
N SER A 8 8.85 -2.17 -16.54
CA SER A 8 7.91 -1.93 -17.62
C SER A 8 8.44 -2.45 -18.97
N LEU A 9 7.50 -2.96 -19.77
CA LEU A 9 7.83 -3.43 -21.11
C LEU A 9 7.40 -2.38 -22.12
N ALA A 10 6.56 -1.46 -21.68
CA ALA A 10 6.07 -0.36 -22.51
C ALA A 10 7.18 0.58 -22.96
N SER A 11 6.88 1.38 -23.99
CA SER A 11 7.80 2.41 -24.48
C SER A 11 8.04 3.41 -23.34
N PRO A 12 9.28 3.83 -23.14
CA PRO A 12 9.64 4.68 -21.99
C PRO A 12 9.24 6.15 -22.18
N ALA A 13 9.26 6.93 -21.09
CA ALA A 13 8.84 8.34 -21.10
C ALA A 13 9.58 9.23 -22.11
N SER A 14 10.82 8.89 -22.42
CA SER A 14 11.64 9.65 -23.37
C SER A 14 11.24 9.41 -24.83
N VAL A 15 10.33 8.47 -25.05
CA VAL A 15 9.84 8.15 -26.40
C VAL A 15 8.42 8.71 -26.62
N CYS A 16 7.53 8.44 -25.67
CA CYS A 16 6.17 8.96 -25.72
C CYS A 16 5.54 8.97 -24.32
N ARG A 17 4.71 9.98 -24.05
CA ARG A 17 4.02 10.10 -22.76
C ARG A 17 2.52 9.95 -22.96
N THR A 18 1.90 9.04 -22.22
CA THR A 18 0.44 9.00 -22.13
C THR A 18 -0.03 10.26 -21.40
N LYS A 19 -0.95 11.00 -22.00
CA LYS A 19 -1.40 12.25 -21.41
C LYS A 19 -2.80 12.19 -20.82
N HIS A 20 -3.62 11.25 -21.32
CA HIS A 20 -5.01 11.10 -20.90
C HIS A 20 -5.53 9.69 -21.19
N LEU A 21 -6.49 9.25 -20.38
CA LEU A 21 -7.20 8.00 -20.61
C LEU A 21 -8.70 8.22 -20.53
N HIS A 22 -9.41 7.85 -21.59
CA HIS A 22 -10.86 7.74 -21.50
C HIS A 22 -11.25 6.28 -21.36
N LEU A 23 -11.76 5.92 -20.18
CA LEU A 23 -12.22 4.56 -19.92
C LEU A 23 -13.74 4.44 -20.04
N ARG A 24 -14.17 3.56 -20.94
CA ARG A 24 -15.55 3.12 -20.94
C ARG A 24 -15.53 1.61 -20.80
N CYS A 25 -16.12 1.10 -19.72
CA CYS A 25 -16.08 -0.33 -19.45
C CYS A 25 -17.33 -0.88 -18.78
N SER A 26 -17.53 -2.20 -18.93
CA SER A 26 -18.63 -2.91 -18.30
C SER A 26 -18.09 -3.93 -17.31
N VAL A 27 -18.68 -3.95 -16.12
CA VAL A 27 -18.29 -4.86 -15.05
C VAL A 27 -19.23 -6.07 -15.04
N ASP A 28 -18.68 -7.22 -15.43
CA ASP A 28 -19.46 -8.45 -15.58
C ASP A 28 -19.18 -9.46 -14.47
N PHE A 29 -20.15 -9.63 -13.57
CA PHE A 29 -19.98 -10.52 -12.44
C PHE A 29 -20.16 -12.01 -12.76
N THR A 30 -20.82 -12.31 -13.89
CA THR A 30 -21.00 -13.68 -14.33
C THR A 30 -19.70 -14.24 -14.93
N ARG A 31 -19.07 -13.46 -15.81
CA ARG A 31 -17.85 -13.86 -16.51
C ARG A 31 -16.58 -13.53 -15.73
N ARG A 32 -16.72 -12.74 -14.67
CA ARG A 32 -15.60 -12.14 -13.93
C ARG A 32 -14.59 -11.42 -14.84
N THR A 33 -15.10 -10.68 -15.82
CA THR A 33 -14.27 -9.88 -16.73
C THR A 33 -14.61 -8.39 -16.66
N LEU A 34 -13.61 -7.57 -17.00
CA LEU A 34 -13.83 -6.15 -17.26
C LEU A 34 -13.78 -5.96 -18.76
N THR A 35 -14.88 -5.46 -19.31
CA THR A 35 -15.03 -5.31 -20.76
C THR A 35 -15.10 -3.83 -21.07
N GLY A 36 -14.58 -3.44 -22.23
CA GLY A 36 -14.74 -2.08 -22.71
C GLY A 36 -13.60 -1.48 -23.53
N THR A 37 -13.60 -0.15 -23.63
CA THR A 37 -12.61 0.57 -24.42
C THR A 37 -11.73 1.48 -23.55
N ALA A 38 -10.44 1.48 -23.85
CA ALA A 38 -9.49 2.38 -23.22
C ALA A 38 -8.87 3.31 -24.25
N ALA A 39 -9.34 4.55 -24.26
CA ALA A 39 -8.86 5.57 -25.19
C ALA A 39 -7.67 6.31 -24.57
N LEU A 40 -6.50 6.08 -25.14
CA LEU A 40 -5.27 6.69 -24.66
C LEU A 40 -4.83 7.86 -25.56
N THR A 41 -4.71 9.05 -24.97
CA THR A 41 -4.11 10.18 -25.66
C THR A 41 -2.61 10.09 -25.45
N VAL A 42 -1.85 9.98 -26.53
CA VAL A 42 -0.39 9.81 -26.45
C VAL A 42 0.37 10.94 -27.13
N GLN A 43 1.34 11.50 -26.40
CA GLN A 43 2.19 12.57 -26.90
C GLN A 43 3.57 12.01 -27.25
N SER A 44 4.00 12.21 -28.50
CA SER A 44 5.31 11.74 -28.95
C SER A 44 6.42 12.67 -28.43
N GLN A 45 7.55 12.09 -28.05
CA GLN A 45 8.67 12.85 -27.49
C GLN A 45 9.88 12.92 -28.41
N GLU A 46 9.75 12.31 -29.58
CA GLU A 46 10.79 12.31 -30.60
C GLU A 46 10.16 12.42 -31.99
N ASP A 47 10.95 12.84 -32.96
CA ASP A 47 10.49 12.89 -34.34
C ASP A 47 10.45 11.49 -34.95
N ASN A 48 9.61 11.31 -35.97
CA ASN A 48 9.51 10.05 -36.73
C ASN A 48 9.12 8.82 -35.89
N LEU A 49 8.06 8.96 -35.09
CA LEU A 49 7.57 7.86 -34.27
C LEU A 49 6.58 7.00 -35.05
N ARG A 50 6.96 5.75 -35.31
CA ARG A 50 6.18 4.83 -36.13
C ARG A 50 5.29 3.90 -35.30
N SER A 51 5.81 3.48 -34.15
CA SER A 51 5.10 2.58 -33.24
C SER A 51 5.52 2.73 -31.77
N LEU A 52 4.60 2.41 -30.87
CA LEU A 52 4.89 2.36 -29.44
C LEU A 52 4.57 1.01 -28.82
N VAL A 53 5.12 0.75 -27.63
CA VAL A 53 4.88 -0.48 -26.90
C VAL A 53 4.10 -0.17 -25.63
N LEU A 54 3.10 -1.00 -25.32
CA LEU A 54 2.31 -0.86 -24.10
C LEU A 54 2.41 -2.11 -23.25
N ASP A 55 2.20 -1.96 -21.94
CA ASP A 55 2.17 -3.09 -21.02
C ASP A 55 0.81 -3.80 -21.03
N THR A 56 0.84 -5.13 -20.93
CA THR A 56 -0.36 -5.95 -20.74
C THR A 56 -0.05 -7.14 -19.84
N LYS A 57 -1.06 -7.67 -19.16
CA LYS A 57 -0.93 -8.92 -18.42
C LYS A 57 -2.25 -9.67 -18.45
N ASP A 58 -2.26 -10.79 -19.17
CA ASP A 58 -3.45 -11.63 -19.35
C ASP A 58 -4.65 -10.82 -19.84
N LEU A 59 -4.44 -10.02 -20.86
CA LEU A 59 -5.52 -9.25 -21.44
C LEU A 59 -5.95 -9.85 -22.79
N THR A 60 -7.25 -9.83 -23.06
CA THR A 60 -7.76 -10.13 -24.38
C THR A 60 -8.00 -8.82 -25.12
N ILE A 61 -7.33 -8.64 -26.25
CA ILE A 61 -7.55 -7.47 -27.10
C ILE A 61 -8.56 -7.82 -28.20
N GLU A 62 -9.66 -7.06 -28.24
CA GLU A 62 -10.67 -7.20 -29.28
C GLU A 62 -10.21 -6.49 -30.57
N LYS A 63 -10.03 -5.16 -30.48
CA LYS A 63 -9.55 -4.35 -31.60
C LYS A 63 -8.79 -3.09 -31.14
N VAL A 64 -7.97 -2.55 -32.03
CA VAL A 64 -7.26 -1.29 -31.78
C VAL A 64 -7.68 -0.27 -32.83
N VAL A 65 -8.30 0.83 -32.38
CA VAL A 65 -8.84 1.84 -33.28
C VAL A 65 -8.09 3.17 -33.14
N ILE A 66 -7.62 3.69 -34.27
CA ILE A 66 -7.03 5.02 -34.33
C ILE A 66 -7.77 5.83 -35.41
N ASN A 67 -8.43 6.90 -34.98
CA ASN A 67 -9.20 7.77 -35.88
C ASN A 67 -10.24 7.01 -36.72
N GLY A 68 -10.96 6.10 -36.08
CA GLY A 68 -12.05 5.36 -36.71
C GLY A 68 -11.63 4.18 -37.59
N GLN A 69 -10.34 3.82 -37.56
CA GLN A 69 -9.82 2.72 -38.37
C GLN A 69 -9.05 1.69 -37.54
N GLU A 70 -9.23 0.42 -37.88
CA GLU A 70 -8.50 -0.66 -37.22
C GLU A 70 -7.04 -0.70 -37.69
N VAL A 71 -6.12 -0.77 -36.73
CA VAL A 71 -4.68 -0.80 -37.03
C VAL A 71 -4.02 -2.09 -36.55
N LYS A 72 -2.81 -2.33 -37.04
CA LYS A 72 -2.05 -3.55 -36.72
C LYS A 72 -1.43 -3.51 -35.33
N TYR A 73 -1.49 -4.64 -34.62
CA TYR A 73 -0.87 -4.79 -33.31
C TYR A 73 -0.32 -6.20 -33.09
N ALA A 74 0.69 -6.32 -32.22
CA ALA A 74 1.35 -7.59 -31.94
C ALA A 74 1.77 -7.73 -30.47
N LEU A 75 1.25 -8.75 -29.81
CA LEU A 75 1.66 -9.11 -28.45
C LEU A 75 2.86 -10.04 -28.49
N GLY A 76 3.94 -9.67 -27.81
CA GLY A 76 5.08 -10.55 -27.64
C GLY A 76 4.77 -11.64 -26.64
N GLU A 77 5.68 -12.60 -26.48
CA GLU A 77 5.46 -13.65 -25.50
C GLU A 77 5.62 -13.12 -24.08
N ARG A 78 4.97 -13.81 -23.14
CA ARG A 78 4.97 -13.44 -21.73
C ARG A 78 6.36 -13.51 -21.13
N GLN A 79 6.74 -12.45 -20.41
CA GLN A 79 7.99 -12.40 -19.66
C GLN A 79 7.68 -12.48 -18.15
N SER A 80 7.28 -13.68 -17.71
CA SER A 80 6.75 -13.94 -16.37
C SER A 80 5.85 -12.83 -15.81
N TYR A 81 6.23 -12.27 -14.65
CA TYR A 81 5.41 -11.32 -13.89
C TYR A 81 5.18 -9.98 -14.60
N LYS A 82 6.08 -9.61 -15.53
CA LYS A 82 5.96 -8.38 -16.31
C LYS A 82 4.80 -8.38 -17.32
N GLY A 83 4.37 -9.58 -17.72
CA GLY A 83 3.29 -9.74 -18.69
C GLY A 83 3.79 -9.76 -20.11
N SER A 84 2.96 -9.27 -21.04
CA SER A 84 3.28 -9.32 -22.47
C SER A 84 3.35 -7.93 -23.12
N PRO A 85 4.41 -7.65 -23.89
CA PRO A 85 4.55 -6.36 -24.55
C PRO A 85 3.61 -6.25 -25.75
N MET A 86 3.01 -5.06 -25.94
CA MET A 86 2.04 -4.84 -27.00
C MET A 86 2.50 -3.71 -27.92
N GLU A 87 2.97 -4.08 -29.11
CA GLU A 87 3.37 -3.10 -30.10
C GLU A 87 2.21 -2.69 -31.00
N ILE A 88 1.88 -1.39 -30.98
CA ILE A 88 0.82 -0.83 -31.81
C ILE A 88 1.43 -0.03 -32.98
N SER A 89 1.07 -0.41 -34.20
CA SER A 89 1.57 0.26 -35.40
C SER A 89 0.68 1.44 -35.74
N LEU A 90 1.29 2.63 -35.78
CA LEU A 90 0.56 3.86 -36.09
C LEU A 90 0.49 4.07 -37.60
N PRO A 91 -0.68 4.47 -38.11
CA PRO A 91 -0.86 4.65 -39.57
C PRO A 91 -0.14 5.89 -40.09
N ILE A 92 -0.16 6.97 -39.32
CA ILE A 92 0.56 8.19 -39.65
C ILE A 92 1.67 8.40 -38.61
N ALA A 93 2.88 8.68 -39.09
CA ALA A 93 4.05 8.89 -38.23
C ALA A 93 3.99 10.24 -37.50
N LEU A 94 4.37 10.22 -36.22
CA LEU A 94 4.27 11.40 -35.36
C LEU A 94 5.57 12.21 -35.27
N SER A 95 5.41 13.53 -35.32
CA SER A 95 6.49 14.46 -35.01
C SER A 95 6.59 14.67 -33.49
N LYS A 96 7.65 15.35 -33.07
CA LYS A 96 7.84 15.72 -31.66
C LYS A 96 6.65 16.54 -31.16
N ASN A 97 6.12 16.13 -30.01
CA ASN A 97 5.02 16.82 -29.31
C ASN A 97 3.61 16.66 -29.90
N GLN A 98 3.47 15.83 -30.93
CA GLN A 98 2.17 15.59 -31.55
C GLN A 98 1.36 14.51 -30.83
N GLU A 99 0.03 14.62 -30.91
CA GLU A 99 -0.87 13.77 -30.15
C GLU A 99 -1.76 12.88 -31.03
N ILE A 100 -2.00 11.66 -30.57
CA ILE A 100 -2.98 10.75 -31.19
C ILE A 100 -3.76 9.99 -30.14
N VAL A 101 -5.04 9.78 -30.42
CA VAL A 101 -5.89 8.96 -29.56
C VAL A 101 -5.92 7.50 -30.07
N ILE A 102 -5.47 6.58 -29.23
CA ILE A 102 -5.46 5.14 -29.53
C ILE A 102 -6.51 4.44 -28.68
N GLU A 103 -7.54 3.90 -29.33
CA GLU A 103 -8.64 3.23 -28.63
C GLU A 103 -8.47 1.71 -28.68
N ILE A 104 -8.29 1.11 -27.50
CA ILE A 104 -8.08 -0.33 -27.38
C ILE A 104 -9.28 -0.98 -26.72
N SER A 105 -9.94 -1.88 -27.45
CA SER A 105 -11.03 -2.68 -26.90
C SER A 105 -10.43 -3.90 -26.22
N PHE A 106 -10.71 -4.03 -24.92
CA PHE A 106 -10.06 -5.04 -24.10
C PHE A 106 -11.02 -5.83 -23.22
N GLU A 107 -10.60 -7.04 -22.88
CA GLU A 107 -11.22 -7.85 -21.84
C GLU A 107 -10.14 -8.30 -20.87
N THR A 108 -10.44 -8.26 -19.57
CA THR A 108 -9.52 -8.76 -18.55
C THR A 108 -9.71 -10.25 -18.31
N SER A 109 -8.64 -10.90 -17.85
CA SER A 109 -8.68 -12.30 -17.45
C SER A 109 -9.43 -12.39 -16.13
N PRO A 110 -10.14 -13.49 -15.89
CA PRO A 110 -10.72 -13.76 -14.56
C PRO A 110 -9.65 -13.79 -13.48
N LYS A 111 -8.40 -14.09 -13.87
CA LYS A 111 -7.30 -14.28 -12.93
C LYS A 111 -6.40 -13.06 -12.83
N SER A 112 -6.88 -11.91 -13.29
CA SER A 112 -6.11 -10.68 -13.28
C SER A 112 -5.49 -10.43 -11.90
N SER A 113 -4.18 -10.17 -11.89
CA SER A 113 -3.44 -9.96 -10.65
C SER A 113 -3.73 -8.60 -10.03
N ALA A 114 -4.60 -7.82 -10.69
CA ALA A 114 -5.02 -6.51 -10.20
C ALA A 114 -6.32 -6.60 -9.40
N LEU A 115 -7.11 -7.63 -9.66
CA LEU A 115 -8.48 -7.70 -9.17
C LEU A 115 -8.77 -8.91 -8.30
N GLN A 116 -9.68 -8.73 -7.35
CA GLN A 116 -10.30 -9.86 -6.69
C GLN A 116 -11.81 -9.81 -6.88
N TRP A 117 -12.36 -10.91 -7.36
CA TRP A 117 -13.81 -11.06 -7.49
C TRP A 117 -14.32 -11.83 -6.28
N LEU A 118 -15.35 -11.29 -5.63
CA LEU A 118 -15.95 -11.94 -4.49
C LEU A 118 -17.33 -12.45 -4.86
N THR A 119 -17.66 -13.66 -4.44
CA THR A 119 -19.02 -14.15 -4.55
C THR A 119 -19.84 -13.52 -3.42
N PRO A 120 -21.16 -13.47 -3.56
CA PRO A 120 -22.03 -13.00 -2.47
C PRO A 120 -21.63 -13.54 -1.09
N GLU A 121 -21.42 -14.86 -0.98
CA GLU A 121 -21.08 -15.50 0.31
C GLU A 121 -19.73 -15.08 0.90
N GLN A 122 -18.93 -14.37 0.12
CA GLN A 122 -17.62 -13.86 0.56
C GLN A 122 -17.73 -12.43 1.10
N THR A 123 -18.91 -11.84 0.98
CA THR A 123 -19.14 -10.46 1.44
C THR A 123 -19.89 -10.44 2.77
N SER A 124 -20.26 -9.23 3.21
CA SER A 124 -20.95 -9.07 4.49
C SER A 124 -22.46 -9.16 4.33
N GLY A 125 -22.99 -8.48 3.32
CA GLY A 125 -24.41 -8.50 3.04
C GLY A 125 -24.91 -9.87 2.60
N LYS A 126 -23.99 -10.65 2.02
CA LYS A 126 -24.25 -12.04 1.61
C LYS A 126 -25.31 -12.20 0.51
N GLU A 127 -25.69 -11.09 -0.12
CA GLU A 127 -26.72 -11.09 -1.17
C GLU A 127 -26.21 -10.50 -2.49
N HIS A 128 -25.14 -9.74 -2.42
CA HIS A 128 -24.53 -9.12 -3.60
C HIS A 128 -23.04 -9.40 -3.65
N PRO A 129 -22.49 -9.55 -4.86
CA PRO A 129 -21.05 -9.73 -5.04
C PRO A 129 -20.24 -8.42 -4.86
N TYR A 130 -18.96 -8.49 -5.22
CA TYR A 130 -17.99 -7.42 -4.94
C TYR A 130 -16.78 -7.56 -5.85
N LEU A 131 -16.21 -6.42 -6.23
CA LEU A 131 -14.94 -6.40 -6.94
C LEU A 131 -14.13 -5.19 -6.49
N PHE A 132 -12.83 -5.40 -6.30
CA PHE A 132 -11.93 -4.27 -6.09
C PHE A 132 -10.60 -4.42 -6.82
N SER A 133 -9.99 -3.29 -7.15
CA SER A 133 -8.70 -3.26 -7.80
C SER A 133 -7.59 -2.90 -6.82
N GLN A 134 -6.39 -3.40 -7.10
CA GLN A 134 -5.16 -2.98 -6.43
C GLN A 134 -4.05 -2.96 -7.47
N CYS A 135 -3.87 -1.80 -8.09
CA CYS A 135 -2.90 -1.67 -9.18
C CYS A 135 -1.44 -1.61 -8.73
N GLN A 136 -1.15 -1.03 -7.55
CA GLN A 136 0.22 -0.91 -7.07
C GLN A 136 0.87 -2.28 -6.81
N ALA A 137 2.05 -2.54 -7.38
CA ALA A 137 2.82 -1.56 -8.16
C ALA A 137 2.53 -1.62 -9.66
N ILE A 138 2.56 -2.83 -10.23
CA ILE A 138 2.49 -3.00 -11.69
C ILE A 138 1.35 -3.93 -12.10
N HIS A 139 0.15 -3.64 -11.62
CA HIS A 139 -1.02 -4.47 -11.88
C HIS A 139 -2.05 -3.73 -12.74
N CYS A 140 -1.82 -2.44 -12.99
CA CYS A 140 -2.70 -1.68 -13.88
C CYS A 140 -2.75 -2.30 -15.28
N ARG A 141 -1.60 -2.81 -15.74
CA ARG A 141 -1.52 -3.53 -17.02
C ARG A 141 -2.41 -4.77 -17.04
N ALA A 142 -2.78 -5.28 -15.87
CA ALA A 142 -3.69 -6.41 -15.78
C ALA A 142 -5.16 -5.96 -15.74
N ILE A 143 -5.39 -4.65 -15.86
CA ILE A 143 -6.73 -4.12 -16.09
C ILE A 143 -6.84 -3.52 -17.48
N LEU A 144 -5.89 -2.67 -17.85
CA LEU A 144 -5.90 -2.08 -19.19
C LEU A 144 -4.49 -1.87 -19.75
N PRO A 145 -4.38 -1.82 -21.09
CA PRO A 145 -3.10 -1.58 -21.74
C PRO A 145 -2.65 -0.15 -21.51
N CYS A 146 -1.42 0.00 -21.02
CA CYS A 146 -0.91 1.30 -20.60
C CYS A 146 0.61 1.25 -20.50
N GLN A 147 1.23 2.42 -20.43
CA GLN A 147 2.60 2.51 -19.96
C GLN A 147 2.55 2.32 -18.43
N ASP A 148 2.69 1.07 -17.99
CA ASP A 148 2.55 0.73 -16.57
C ASP A 148 3.77 1.17 -15.75
N THR A 149 4.05 2.46 -15.80
CA THR A 149 5.19 3.02 -15.09
C THR A 149 4.83 4.34 -14.39
N PRO A 150 5.33 4.53 -13.17
CA PRO A 150 5.12 5.78 -12.44
C PRO A 150 5.92 6.97 -12.99
N SER A 151 6.67 6.76 -14.07
CA SER A 151 7.39 7.87 -14.70
C SER A 151 6.49 8.68 -15.62
N VAL A 152 5.33 8.11 -15.94
CA VAL A 152 4.32 8.74 -16.77
C VAL A 152 3.11 9.12 -15.91
N LYS A 153 2.63 10.34 -16.11
CA LYS A 153 1.44 10.85 -15.42
C LYS A 153 0.38 11.33 -16.40
N LEU A 154 -0.88 11.03 -16.07
CA LEU A 154 -2.01 11.23 -16.97
C LEU A 154 -3.30 11.55 -16.21
N THR A 155 -4.13 12.41 -16.79
CA THR A 155 -5.49 12.59 -16.29
C THR A 155 -6.36 11.45 -16.82
N TYR A 156 -7.56 11.28 -16.27
CA TYR A 156 -8.48 10.28 -16.80
C TYR A 156 -9.97 10.56 -16.51
N THR A 157 -10.80 10.29 -17.50
CA THR A 157 -12.26 10.27 -17.33
C THR A 157 -12.74 8.84 -17.54
N ALA A 158 -13.66 8.40 -16.68
CA ALA A 158 -14.15 7.02 -16.77
C ALA A 158 -15.66 6.94 -16.74
N GLU A 159 -16.19 5.94 -17.44
CA GLU A 159 -17.61 5.61 -17.44
C GLU A 159 -17.74 4.10 -17.32
N VAL A 160 -18.26 3.65 -16.19
CA VAL A 160 -18.32 2.22 -15.90
C VAL A 160 -19.76 1.77 -15.63
N SER A 161 -20.14 0.68 -16.29
CA SER A 161 -21.49 0.13 -16.20
C SER A 161 -21.55 -1.04 -15.21
N VAL A 162 -22.46 -0.93 -14.23
CA VAL A 162 -22.68 -1.97 -13.23
C VAL A 162 -24.18 -2.25 -13.06
N PRO A 163 -24.54 -3.44 -12.57
CA PRO A 163 -25.96 -3.77 -12.31
C PRO A 163 -26.64 -2.74 -11.40
N LYS A 164 -27.88 -2.37 -11.75
CA LYS A 164 -28.66 -1.29 -11.13
C LYS A 164 -28.54 -1.18 -9.60
N GLU A 165 -28.45 -2.34 -8.95
CA GLU A 165 -28.45 -2.43 -7.48
C GLU A 165 -27.04 -2.35 -6.85
N LEU A 166 -26.06 -1.89 -7.61
CA LEU A 166 -24.68 -1.78 -7.12
C LEU A 166 -24.08 -0.39 -7.35
N VAL A 167 -23.04 -0.07 -6.59
CA VAL A 167 -22.38 1.23 -6.67
C VAL A 167 -20.93 1.09 -7.13
N ALA A 168 -20.56 1.90 -8.12
CA ALA A 168 -19.18 2.00 -8.58
C ALA A 168 -18.52 3.25 -7.99
N LEU A 169 -17.27 3.09 -7.56
CA LEU A 169 -16.46 4.21 -7.10
C LEU A 169 -15.07 4.09 -7.70
N MET A 170 -14.48 5.22 -8.07
CA MET A 170 -13.15 5.24 -8.67
C MET A 170 -12.24 6.26 -7.99
N SER A 171 -10.95 6.19 -8.30
CA SER A 171 -9.97 7.13 -7.78
C SER A 171 -10.08 8.45 -8.53
N ALA A 172 -11.24 9.09 -8.38
CA ALA A 172 -11.63 10.29 -9.11
C ALA A 172 -12.83 10.93 -8.42
N ILE A 173 -13.24 12.10 -8.92
CA ILE A 173 -14.44 12.77 -8.41
C ILE A 173 -15.68 12.16 -9.07
N ARG A 174 -16.69 11.85 -8.26
CA ARG A 174 -17.98 11.34 -8.72
C ARG A 174 -18.67 12.35 -9.65
N ASP A 175 -19.00 11.92 -10.87
CA ASP A 175 -19.65 12.81 -11.85
C ASP A 175 -21.16 12.56 -11.93
N GLY A 176 -21.67 11.72 -11.04
CA GLY A 176 -23.09 11.42 -11.00
C GLY A 176 -23.45 10.15 -11.73
N GLU A 177 -24.74 9.81 -11.71
CA GLU A 177 -25.24 8.55 -12.26
C GLU A 177 -26.37 8.76 -13.27
N THR A 178 -26.37 7.92 -14.30
CA THR A 178 -27.46 7.87 -15.28
C THR A 178 -27.56 6.44 -15.84
N PRO A 179 -28.77 5.93 -16.04
CA PRO A 179 -28.97 4.57 -16.58
C PRO A 179 -28.33 4.36 -17.96
N ASP A 180 -27.82 3.15 -18.20
CA ASP A 180 -27.16 2.78 -19.45
C ASP A 180 -28.06 3.07 -20.68
N PRO A 181 -27.53 3.77 -21.68
CA PRO A 181 -28.29 4.04 -22.93
C PRO A 181 -28.53 2.79 -23.80
N GLU A 182 -27.68 1.77 -23.65
CA GLU A 182 -27.82 0.51 -24.36
C GLU A 182 -27.82 -0.62 -23.32
N ASP A 183 -28.89 -0.67 -22.52
CA ASP A 183 -28.83 -1.32 -21.21
C ASP A 183 -29.56 -2.64 -21.01
N PRO A 184 -28.97 -3.51 -20.18
CA PRO A 184 -29.72 -4.45 -19.36
C PRO A 184 -30.21 -3.70 -18.10
N SER A 185 -30.43 -4.40 -16.99
CA SER A 185 -30.74 -3.71 -15.74
C SER A 185 -29.43 -3.20 -15.14
N ARG A 186 -28.97 -2.05 -15.64
CA ARG A 186 -27.67 -1.52 -15.29
C ARG A 186 -27.66 -0.01 -15.07
N LYS A 187 -26.62 0.46 -14.37
CA LYS A 187 -26.37 1.88 -14.12
C LYS A 187 -24.97 2.21 -14.64
N ILE A 188 -24.81 3.37 -15.29
CA ILE A 188 -23.50 3.77 -15.80
C ILE A 188 -22.92 5.01 -15.05
N TYR A 189 -22.05 4.73 -14.09
CA TYR A 189 -21.42 5.76 -13.25
C TYR A 189 -20.30 6.48 -13.98
N LYS A 190 -20.25 7.80 -13.81
CA LYS A 190 -19.26 8.64 -14.48
C LYS A 190 -18.24 9.18 -13.47
N PHE A 191 -16.97 9.25 -13.89
CA PHE A 191 -15.87 9.73 -13.05
C PHE A 191 -14.90 10.64 -13.80
N ILE A 192 -14.31 11.61 -13.10
CA ILE A 192 -13.28 12.48 -13.68
C ILE A 192 -12.14 12.76 -12.70
N GLN A 193 -10.92 12.55 -13.19
CA GLN A 193 -9.72 12.90 -12.45
C GLN A 193 -8.97 13.96 -13.25
N LYS A 194 -9.04 15.19 -12.77
CA LYS A 194 -8.44 16.36 -13.43
C LYS A 194 -6.93 16.51 -13.19
N VAL A 195 -6.42 15.80 -12.18
CA VAL A 195 -5.02 15.89 -11.80
C VAL A 195 -4.21 14.72 -12.39
N PRO A 196 -3.07 15.02 -13.03
CA PRO A 196 -2.23 13.96 -13.62
C PRO A 196 -1.62 13.01 -12.60
N ILE A 197 -1.99 11.73 -12.71
CA ILE A 197 -1.53 10.68 -11.80
C ILE A 197 -0.81 9.57 -12.56
N PRO A 198 0.12 8.90 -11.89
CA PRO A 198 0.67 7.64 -12.39
C PRO A 198 -0.43 6.58 -12.43
N CYS A 199 -0.36 5.67 -13.39
CA CYS A 199 -1.47 4.75 -13.62
C CYS A 199 -1.72 3.75 -12.48
N TYR A 200 -0.76 3.58 -11.58
CA TYR A 200 -0.95 2.66 -10.45
C TYR A 200 -1.96 3.20 -9.45
N LEU A 201 -2.28 4.50 -9.58
CA LEU A 201 -3.27 5.16 -8.77
C LEU A 201 -4.66 5.11 -9.39
N ILE A 202 -4.81 4.38 -10.50
CA ILE A 202 -6.13 4.10 -11.08
C ILE A 202 -6.76 2.97 -10.26
N ALA A 203 -8.00 3.18 -9.82
CA ALA A 203 -8.67 2.20 -8.96
C ALA A 203 -10.17 2.12 -9.19
N LEU A 204 -10.73 0.91 -8.98
CA LEU A 204 -12.16 0.68 -9.13
C LEU A 204 -12.70 -0.29 -8.07
N VAL A 205 -13.88 0.05 -7.55
CA VAL A 205 -14.61 -0.84 -6.65
C VAL A 205 -16.07 -0.89 -7.06
N VAL A 206 -16.66 -2.08 -6.95
CA VAL A 206 -18.06 -2.30 -7.26
C VAL A 206 -18.65 -3.27 -6.24
N GLY A 207 -19.65 -2.81 -5.50
CA GLY A 207 -20.35 -3.67 -4.56
C GLY A 207 -21.62 -3.03 -4.01
N ALA A 208 -22.25 -3.70 -3.07
CA ALA A 208 -23.43 -3.16 -2.40
C ALA A 208 -22.99 -2.12 -1.37
N LEU A 209 -22.57 -0.96 -1.89
CA LEU A 209 -21.95 0.08 -1.08
C LEU A 209 -22.92 1.15 -0.60
N GLU A 210 -22.80 1.48 0.68
CA GLU A 210 -23.52 2.60 1.27
C GLU A 210 -22.51 3.55 1.91
N SER A 211 -22.88 4.82 2.03
CA SER A 211 -21.98 5.85 2.55
C SER A 211 -22.52 6.58 3.77
N ARG A 212 -21.61 7.10 4.58
CA ARG A 212 -21.96 8.00 5.66
C ARG A 212 -20.99 9.18 5.66
N GLN A 213 -21.52 10.37 5.94
CA GLN A 213 -20.71 11.59 5.94
C GLN A 213 -20.10 11.83 7.31
N ILE A 214 -18.78 12.03 7.34
CA ILE A 214 -18.04 12.24 8.59
C ILE A 214 -17.15 13.47 8.55
N GLY A 215 -17.11 14.14 7.41
CA GLY A 215 -16.34 15.36 7.25
C GLY A 215 -16.81 16.18 6.07
N PRO A 216 -16.51 17.48 6.07
CA PRO A 216 -16.92 18.38 4.98
C PRO A 216 -16.54 17.89 3.57
N ARG A 217 -15.45 17.14 3.47
CA ARG A 217 -14.99 16.59 2.20
C ARG A 217 -14.69 15.09 2.34
N THR A 218 -15.41 14.43 3.25
CA THR A 218 -15.16 13.03 3.55
C THR A 218 -16.43 12.22 3.73
N LEU A 219 -16.51 11.12 2.98
CA LEU A 219 -17.54 10.12 3.14
C LEU A 219 -16.88 8.74 3.35
N VAL A 220 -17.40 7.97 4.31
CA VAL A 220 -16.97 6.59 4.48
C VAL A 220 -17.87 5.67 3.65
N TRP A 221 -17.24 4.84 2.83
CA TRP A 221 -17.96 3.86 2.01
C TRP A 221 -17.67 2.44 2.49
N SER A 222 -18.71 1.62 2.55
CA SER A 222 -18.61 0.22 2.92
C SER A 222 -19.95 -0.45 2.77
N GLU A 223 -20.00 -1.76 3.00
CA GLU A 223 -21.26 -2.48 3.07
C GLU A 223 -22.07 -2.00 4.29
N LYS A 224 -23.39 -2.08 4.19
CA LYS A 224 -24.32 -1.61 5.22
C LYS A 224 -23.90 -1.85 6.68
N GLU A 225 -23.35 -3.04 6.93
CA GLU A 225 -23.07 -3.52 8.30
C GLU A 225 -21.73 -3.06 8.86
N GLN A 226 -20.92 -2.40 8.04
CA GLN A 226 -19.62 -1.88 8.44
C GLN A 226 -19.66 -0.36 8.58
N VAL A 227 -20.62 0.27 7.93
CA VAL A 227 -20.73 1.73 7.87
C VAL A 227 -20.75 2.41 9.25
N GLU A 228 -21.35 1.74 10.23
CA GLU A 228 -21.50 2.27 11.58
C GLU A 228 -20.17 2.37 12.32
N LYS A 229 -19.46 1.23 12.42
CA LYS A 229 -18.17 1.18 13.09
C LYS A 229 -17.14 2.07 12.42
N SER A 230 -17.19 2.14 11.09
CA SER A 230 -16.27 2.94 10.29
C SER A 230 -16.41 4.44 10.53
N ALA A 231 -17.65 4.92 10.52
CA ALA A 231 -17.96 6.33 10.76
C ALA A 231 -17.37 6.82 12.08
N TYR A 232 -17.45 5.99 13.11
CA TYR A 232 -16.86 6.28 14.42
C TYR A 232 -15.32 6.18 14.40
N GLU A 233 -14.80 5.09 13.83
CA GLU A 233 -13.37 4.78 13.83
C GLU A 233 -12.50 5.86 13.19
N PHE A 234 -13.02 6.51 12.15
CA PHE A 234 -12.25 7.44 11.35
C PHE A 234 -12.71 8.90 11.50
N SER A 235 -13.36 9.21 12.62
CA SER A 235 -13.93 10.54 12.83
C SER A 235 -12.89 11.66 12.73
N GLU A 236 -11.64 11.34 13.06
CA GLU A 236 -10.55 12.32 13.11
C GLU A 236 -9.99 12.70 11.73
N THR A 237 -10.61 12.20 10.66
CA THR A 237 -10.06 12.35 9.32
C THR A 237 -9.84 13.80 8.89
N GLU A 238 -10.88 14.62 9.00
CA GLU A 238 -10.81 16.01 8.58
C GLU A 238 -9.75 16.79 9.36
N SER A 239 -9.68 16.54 10.65
CA SER A 239 -8.67 17.16 11.50
C SER A 239 -7.26 16.73 11.06
N MET A 240 -7.14 15.51 10.55
CA MET A 240 -5.85 15.01 10.04
C MET A 240 -5.53 15.64 8.69
N LEU A 241 -6.57 15.83 7.89
CA LEU A 241 -6.44 16.49 6.59
C LEU A 241 -5.93 17.92 6.77
N LYS A 242 -6.48 18.62 7.77
CA LYS A 242 -6.13 20.00 8.10
C LYS A 242 -4.66 20.17 8.49
N ILE A 243 -4.17 19.29 9.35
CA ILE A 243 -2.76 19.28 9.76
C ILE A 243 -1.84 18.94 8.58
N ALA A 244 -2.25 17.94 7.79
CA ALA A 244 -1.50 17.55 6.60
C ALA A 244 -1.39 18.68 5.56
N GLU A 245 -2.43 19.52 5.47
CA GLU A 245 -2.45 20.69 4.58
C GLU A 245 -1.47 21.77 5.04
N ASP A 246 -1.32 21.86 6.37
CA ASP A 246 -0.42 22.81 7.01
C ASP A 246 1.05 22.40 6.79
N LEU A 247 1.27 21.09 6.72
CA LEU A 247 2.61 20.52 6.55
C LEU A 247 3.09 20.50 5.10
N GLY A 248 2.21 20.12 4.17
CA GLY A 248 2.60 19.88 2.78
C GLY A 248 2.10 20.86 1.73
N GLY A 249 1.36 21.88 2.15
CA GLY A 249 0.69 22.79 1.22
C GLY A 249 -0.75 22.36 0.97
N PRO A 250 -1.45 23.04 0.06
CA PRO A 250 -2.89 22.79 -0.17
C PRO A 250 -3.22 21.41 -0.72
N TYR A 251 -4.32 20.84 -0.23
CA TYR A 251 -4.86 19.57 -0.72
C TYR A 251 -5.62 19.82 -2.03
N VAL A 252 -5.08 19.28 -3.13
CA VAL A 252 -5.52 19.64 -4.49
C VAL A 252 -6.57 18.71 -5.12
N TRP A 253 -6.93 17.64 -4.41
CA TRP A 253 -7.79 16.58 -4.96
C TRP A 253 -9.29 16.82 -4.75
N GLY A 254 -9.64 17.91 -4.07
CA GLY A 254 -11.02 18.31 -3.88
C GLY A 254 -11.76 17.55 -2.80
N GLN A 255 -11.69 16.23 -2.86
CA GLN A 255 -12.44 15.34 -1.99
C GLN A 255 -11.52 14.26 -1.41
N TYR A 256 -11.71 13.93 -0.13
CA TYR A 256 -11.01 12.82 0.49
C TYR A 256 -11.98 11.80 1.10
N ASP A 257 -12.41 10.83 0.29
CA ASP A 257 -13.31 9.77 0.75
C ASP A 257 -12.53 8.53 1.19
N LEU A 258 -13.11 7.79 2.13
CA LEU A 258 -12.54 6.53 2.62
C LEU A 258 -13.44 5.38 2.21
N LEU A 259 -12.83 4.26 1.83
CA LEU A 259 -13.55 3.04 1.55
C LEU A 259 -13.02 1.89 2.38
N VAL A 260 -13.92 1.23 3.12
CA VAL A 260 -13.57 0.10 3.96
C VAL A 260 -13.91 -1.20 3.22
N LEU A 261 -12.86 -1.92 2.84
CA LEU A 261 -13.01 -3.07 1.97
C LEU A 261 -13.37 -4.34 2.71
N PRO A 262 -13.55 -5.45 1.98
CA PRO A 262 -13.66 -6.78 2.59
C PRO A 262 -12.35 -7.18 3.27
N PRO A 263 -12.41 -8.12 4.23
CA PRO A 263 -11.22 -8.56 4.98
C PRO A 263 -10.02 -9.04 4.14
N SER A 264 -10.25 -9.41 2.88
CA SER A 264 -9.19 -9.91 2.02
C SER A 264 -8.30 -8.80 1.41
N PHE A 265 -8.66 -7.54 1.62
CA PHE A 265 -7.83 -6.45 1.14
C PHE A 265 -6.39 -6.62 1.66
N PRO A 266 -5.42 -6.61 0.74
CA PRO A 266 -4.05 -7.03 1.06
C PRO A 266 -3.19 -6.02 1.85
N TYR A 267 -3.62 -4.77 1.98
CA TYR A 267 -2.81 -3.77 2.69
C TYR A 267 -3.54 -2.99 3.80
N GLY A 268 -2.77 -2.26 4.59
CA GLY A 268 -3.33 -1.37 5.59
C GLY A 268 -4.20 -0.33 4.91
N GLY A 269 -3.63 0.28 3.87
CA GLY A 269 -4.35 1.23 3.05
C GLY A 269 -3.73 1.30 1.68
N MET A 270 -4.43 2.00 0.78
CA MET A 270 -3.92 2.32 -0.54
C MET A 270 -4.40 3.72 -0.85
N GLU A 271 -3.43 4.59 -1.14
CA GLU A 271 -3.66 6.03 -1.28
C GLU A 271 -4.33 6.41 -2.61
N ASN A 272 -5.35 5.67 -3.02
CA ASN A 272 -6.05 5.97 -4.25
C ASN A 272 -6.62 7.39 -4.20
N PRO A 273 -6.18 8.26 -5.11
CA PRO A 273 -6.52 9.69 -5.06
C PRO A 273 -8.02 9.92 -5.08
N CYS A 274 -8.51 10.73 -4.14
CA CYS A 274 -9.95 10.98 -3.93
C CYS A 274 -10.65 9.89 -3.11
N LEU A 275 -10.08 8.68 -3.07
CA LEU A 275 -10.72 7.55 -2.40
C LEU A 275 -9.72 6.58 -1.79
N THR A 276 -9.38 6.81 -0.53
CA THR A 276 -8.45 5.95 0.18
C THR A 276 -9.11 4.60 0.49
N PHE A 277 -8.42 3.52 0.13
CA PHE A 277 -8.84 2.17 0.46
C PHE A 277 -8.21 1.79 1.79
N VAL A 278 -9.01 1.29 2.71
CA VAL A 278 -8.49 0.77 3.98
C VAL A 278 -9.00 -0.63 4.30
N THR A 279 -8.22 -1.34 5.10
CA THR A 279 -8.59 -2.67 5.57
C THR A 279 -9.61 -2.55 6.70
N PRO A 280 -10.54 -3.50 6.79
CA PRO A 280 -11.46 -3.55 7.93
C PRO A 280 -10.74 -3.93 9.25
N THR A 281 -9.49 -4.39 9.17
CA THR A 281 -8.70 -4.68 10.37
C THR A 281 -8.32 -3.41 11.17
N LEU A 282 -8.56 -2.23 10.59
CA LEU A 282 -8.43 -0.96 11.30
C LEU A 282 -9.56 -0.71 12.32
N LEU A 283 -10.64 -1.49 12.23
CA LEU A 283 -11.82 -1.24 13.05
C LEU A 283 -11.68 -1.80 14.46
N ALA A 284 -10.76 -1.20 15.22
CA ALA A 284 -10.45 -1.64 16.58
C ALA A 284 -11.52 -1.24 17.60
N GLY A 285 -12.27 -0.19 17.29
CA GLY A 285 -13.34 0.30 18.17
C GLY A 285 -12.91 1.38 19.15
N ASP A 286 -11.74 1.96 18.91
CA ASP A 286 -11.16 2.98 19.79
C ASP A 286 -10.26 3.98 19.04
N LYS A 287 -10.28 3.95 17.71
CA LYS A 287 -9.51 4.88 16.86
C LYS A 287 -7.98 4.71 16.92
N SER A 288 -7.51 3.63 17.55
CA SER A 288 -6.09 3.45 17.86
C SER A 288 -5.20 3.07 16.66
N LEU A 289 -5.81 2.69 15.55
CA LEU A 289 -5.05 2.38 14.33
C LEU A 289 -5.21 3.47 13.29
N SER A 290 -5.50 4.68 13.75
CA SER A 290 -5.76 5.82 12.87
C SER A 290 -4.50 6.39 12.22
N ASN A 291 -3.31 5.95 12.65
CA ASN A 291 -2.07 6.36 12.01
C ASN A 291 -2.06 5.93 10.53
N VAL A 292 -2.82 4.89 10.21
CA VAL A 292 -2.90 4.36 8.85
C VAL A 292 -3.65 5.37 7.97
N ILE A 293 -4.65 6.03 8.55
CA ILE A 293 -5.37 7.10 7.86
C ILE A 293 -4.44 8.28 7.62
N ALA A 294 -3.70 8.66 8.66
CA ALA A 294 -2.69 9.71 8.55
C ALA A 294 -1.72 9.38 7.42
N HIS A 295 -1.34 8.11 7.33
CA HIS A 295 -0.43 7.64 6.28
C HIS A 295 -1.01 7.91 4.88
N GLU A 296 -2.21 7.39 4.60
CA GLU A 296 -2.83 7.57 3.30
C GLU A 296 -3.12 9.04 2.99
N ILE A 297 -3.52 9.80 4.00
CA ILE A 297 -3.70 11.24 3.85
C ILE A 297 -2.41 11.89 3.35
N SER A 298 -1.29 11.55 4.00
CA SER A 298 0.02 12.14 3.68
C SER A 298 0.49 11.83 2.26
N HIS A 299 0.01 10.71 1.71
CA HIS A 299 0.31 10.32 0.34
C HIS A 299 -0.24 11.29 -0.71
N SER A 300 -1.23 12.10 -0.32
CA SER A 300 -1.83 13.10 -1.21
C SER A 300 -0.82 14.18 -1.61
N TRP A 301 0.34 14.15 -0.96
CA TRP A 301 1.47 14.98 -1.33
C TRP A 301 2.65 14.08 -1.70
N THR A 302 3.20 13.37 -0.71
CA THR A 302 4.34 12.51 -0.98
C THR A 302 3.84 11.17 -1.51
N GLY A 303 3.95 10.99 -2.82
CA GLY A 303 3.42 9.83 -3.49
C GLY A 303 2.53 10.16 -4.66
N ASN A 304 1.41 10.83 -4.38
CA ASN A 304 0.45 11.18 -5.43
C ASN A 304 0.77 12.51 -6.15
N LEU A 305 1.44 13.42 -5.45
CA LEU A 305 1.87 14.69 -6.06
C LEU A 305 3.29 14.56 -6.59
N VAL A 306 4.21 14.24 -5.68
CA VAL A 306 5.60 13.92 -6.03
C VAL A 306 5.78 12.40 -5.98
N THR A 307 6.04 11.82 -7.14
CA THR A 307 5.97 10.38 -7.35
C THR A 307 7.34 9.79 -7.68
N ASN A 308 7.63 8.63 -7.11
CA ASN A 308 8.83 7.89 -7.50
C ASN A 308 8.84 7.64 -9.03
N LYS A 309 9.96 7.95 -9.69
CA LYS A 309 10.12 7.74 -11.12
C LYS A 309 10.06 6.25 -11.49
N THR A 310 10.83 5.43 -10.79
CA THR A 310 10.70 3.98 -10.88
C THR A 310 10.50 3.42 -9.48
N TRP A 311 10.14 2.15 -9.39
CA TRP A 311 9.92 1.50 -8.11
C TRP A 311 11.22 1.25 -7.34
N ASP A 312 12.35 1.42 -8.02
CA ASP A 312 13.67 1.38 -7.39
C ASP A 312 13.79 2.43 -6.28
N HIS A 313 13.04 3.52 -6.44
CA HIS A 313 13.09 4.69 -5.58
C HIS A 313 11.81 4.81 -4.77
N PHE A 314 11.20 3.64 -4.50
CA PHE A 314 9.98 3.51 -3.71
C PHE A 314 10.12 4.26 -2.40
N TRP A 315 11.29 4.19 -1.79
CA TRP A 315 11.54 4.85 -0.50
C TRP A 315 11.14 6.34 -0.49
N LEU A 316 11.23 7.03 -1.63
CA LEU A 316 10.79 8.43 -1.66
C LEU A 316 9.32 8.51 -1.30
N ASN A 317 8.52 7.60 -1.86
CA ASN A 317 7.08 7.51 -1.57
C ASN A 317 6.81 7.26 -0.10
N GLU A 318 7.47 6.25 0.47
CA GLU A 318 7.11 5.76 1.80
C GLU A 318 7.90 6.40 2.94
N GLY A 319 9.16 6.71 2.70
CA GLY A 319 9.95 7.41 3.69
C GLY A 319 9.32 8.73 4.10
N HIS A 320 9.02 9.56 3.11
CA HIS A 320 8.46 10.89 3.39
C HIS A 320 7.04 10.78 3.96
N THR A 321 6.30 9.78 3.48
CA THR A 321 4.93 9.59 3.90
C THR A 321 4.89 9.19 5.37
N VAL A 322 5.75 8.27 5.77
CA VAL A 322 5.84 7.88 7.18
C VAL A 322 6.31 9.05 8.02
N TYR A 323 7.18 9.87 7.46
CA TYR A 323 7.63 11.08 8.14
C TYR A 323 6.45 12.05 8.43
N LEU A 324 5.60 12.27 7.43
CA LEU A 324 4.46 13.17 7.60
C LEU A 324 3.39 12.55 8.50
N GLU A 325 3.15 11.25 8.30
CA GLU A 325 2.23 10.48 9.13
C GLU A 325 2.54 10.73 10.59
N ARG A 326 3.79 10.52 10.97
CA ARG A 326 4.20 10.59 12.38
C ARG A 326 4.14 12.01 12.94
N HIS A 327 4.26 13.00 12.06
CA HIS A 327 4.06 14.41 12.42
C HIS A 327 2.60 14.75 12.72
N ILE A 328 1.69 14.11 11.98
CA ILE A 328 0.26 14.29 12.19
C ILE A 328 -0.12 13.73 13.57
N CYS A 329 0.30 12.49 13.82
CA CYS A 329 0.09 11.86 15.12
C CYS A 329 0.76 12.66 16.25
N GLY A 330 1.96 13.16 15.99
CA GLY A 330 2.68 14.00 16.94
C GLY A 330 1.95 15.28 17.28
N ARG A 331 1.47 15.99 16.26
CA ARG A 331 0.74 17.23 16.50
C ARG A 331 -0.62 16.99 17.15
N LEU A 332 -1.13 15.77 17.00
CA LEU A 332 -2.40 15.37 17.58
C LEU A 332 -2.28 14.88 19.03
N PHE A 333 -1.21 14.14 19.32
CA PHE A 333 -1.06 13.43 20.59
C PHE A 333 0.21 13.74 21.38
N GLY A 334 1.07 14.60 20.82
CA GLY A 334 2.29 15.03 21.50
C GLY A 334 3.55 14.56 20.81
N GLU A 335 4.61 15.36 20.95
CA GLU A 335 5.93 15.07 20.40
C GLU A 335 6.51 13.74 20.93
N LYS A 336 6.30 13.48 22.21
CA LYS A 336 6.70 12.23 22.85
C LYS A 336 6.04 11.00 22.21
N PHE A 337 4.78 11.13 21.80
CA PHE A 337 4.12 10.06 21.04
C PHE A 337 4.77 9.88 19.67
N ARG A 338 5.16 10.97 19.03
CA ARG A 338 5.87 10.88 17.73
C ARG A 338 7.19 10.13 17.87
N HIS A 339 7.91 10.35 18.96
CA HIS A 339 9.15 9.62 19.20
C HIS A 339 8.91 8.12 19.45
N PHE A 340 7.90 7.81 20.27
CA PHE A 340 7.48 6.45 20.53
C PHE A 340 7.22 5.64 19.26
N ASN A 341 6.48 6.23 18.31
CA ASN A 341 6.19 5.56 17.04
C ASN A 341 7.43 5.41 16.17
N ALA A 342 8.29 6.43 16.19
CA ALA A 342 9.55 6.42 15.44
C ALA A 342 10.48 5.31 15.95
N LEU A 343 10.57 5.14 17.27
CA LEU A 343 11.38 4.07 17.84
C LEU A 343 10.80 2.69 17.51
N GLY A 344 9.48 2.57 17.57
CA GLY A 344 8.80 1.35 17.17
C GLY A 344 9.06 0.96 15.72
N GLY A 345 9.25 1.96 14.86
CA GLY A 345 9.53 1.74 13.45
C GLY A 345 10.94 1.23 13.20
N TRP A 346 11.90 1.76 13.97
CA TRP A 346 13.25 1.22 14.01
C TRP A 346 13.17 -0.26 14.38
N GLY A 347 12.34 -0.55 15.38
CA GLY A 347 12.03 -1.91 15.78
C GLY A 347 11.58 -2.77 14.61
N GLU A 348 10.56 -2.29 13.88
CA GLU A 348 10.11 -2.99 12.67
C GLU A 348 11.26 -3.14 11.65
N LEU A 349 12.09 -2.10 11.52
CA LEU A 349 13.25 -2.15 10.62
C LEU A 349 14.21 -3.27 11.00
N GLN A 350 14.56 -3.34 12.29
CA GLN A 350 15.39 -4.41 12.83
C GLN A 350 14.86 -5.78 12.42
N ASN A 351 13.54 -5.97 12.49
CA ASN A 351 12.87 -7.23 12.14
C ASN A 351 12.97 -7.60 10.67
N SER A 352 12.68 -6.64 9.78
CA SER A 352 12.86 -6.88 8.35
C SER A 352 14.30 -7.25 7.96
N VAL A 353 15.28 -6.69 8.67
CA VAL A 353 16.69 -6.93 8.35
C VAL A 353 17.14 -8.30 8.85
N LYS A 354 16.67 -8.67 10.03
CA LYS A 354 16.92 -9.99 10.58
C LYS A 354 16.27 -11.04 9.68
N THR A 355 15.04 -10.78 9.25
CA THR A 355 14.27 -11.70 8.41
C THR A 355 14.95 -11.92 7.05
N PHE A 356 15.25 -10.83 6.35
CA PHE A 356 15.92 -10.93 5.04
C PHE A 356 17.37 -11.38 5.15
N GLY A 357 18.06 -10.93 6.21
CA GLY A 357 19.49 -11.11 6.35
C GLY A 357 20.19 -9.78 6.10
N GLU A 358 21.18 -9.46 6.94
CA GLU A 358 21.75 -8.11 6.95
C GLU A 358 22.59 -7.75 5.72
N THR A 359 22.78 -8.72 4.83
CA THR A 359 23.43 -8.48 3.54
C THR A 359 22.47 -8.64 2.36
N HIS A 360 21.17 -8.81 2.67
CA HIS A 360 20.17 -9.01 1.62
C HIS A 360 19.93 -7.77 0.77
N PRO A 361 19.98 -7.93 -0.56
CA PRO A 361 19.75 -6.82 -1.48
C PRO A 361 18.45 -6.07 -1.26
N PHE A 362 17.44 -6.73 -0.68
CA PHE A 362 16.14 -6.10 -0.43
C PHE A 362 16.15 -5.22 0.83
N THR A 363 17.26 -5.18 1.55
CA THR A 363 17.38 -4.28 2.72
C THR A 363 18.06 -2.96 2.36
N LYS A 364 18.56 -2.87 1.12
CA LYS A 364 19.09 -1.61 0.63
C LYS A 364 17.95 -0.59 0.59
N LEU A 365 18.28 0.70 0.71
CA LEU A 365 17.25 1.73 0.60
C LEU A 365 16.76 1.83 -0.84
N VAL A 366 17.71 1.95 -1.77
CA VAL A 366 17.49 1.97 -3.20
C VAL A 366 17.81 0.58 -3.76
N VAL A 367 16.78 -0.12 -4.25
CA VAL A 367 16.97 -1.49 -4.71
C VAL A 367 16.90 -1.56 -6.22
N ASP A 368 17.70 -2.43 -6.82
CA ASP A 368 17.66 -2.66 -8.25
C ASP A 368 16.63 -3.78 -8.50
N LEU A 369 15.50 -3.42 -9.11
CA LEU A 369 14.41 -4.38 -9.33
C LEU A 369 14.45 -5.04 -10.72
N THR A 370 15.62 -5.07 -11.34
CA THR A 370 15.82 -5.87 -12.55
C THR A 370 15.48 -7.31 -12.23
N ASP A 371 14.48 -7.83 -12.95
CA ASP A 371 14.05 -9.23 -12.85
C ASP A 371 13.65 -9.68 -11.44
N ILE A 372 13.06 -8.75 -10.72
CA ILE A 372 12.50 -9.00 -9.40
C ILE A 372 11.04 -8.53 -9.43
N ASP A 373 10.12 -9.42 -9.04
CA ASP A 373 8.70 -9.09 -8.95
C ASP A 373 8.55 -8.11 -7.79
N PRO A 374 8.07 -6.90 -8.05
CA PRO A 374 7.91 -5.89 -6.99
C PRO A 374 7.15 -6.43 -5.77
N ASP A 375 6.29 -7.41 -5.94
CA ASP A 375 5.52 -7.95 -4.83
C ASP A 375 6.36 -8.80 -3.85
N VAL A 376 7.44 -9.40 -4.37
CA VAL A 376 8.32 -10.26 -3.57
C VAL A 376 9.27 -9.44 -2.69
N ALA A 377 9.64 -8.24 -3.16
CA ALA A 377 10.65 -7.43 -2.51
C ALA A 377 10.04 -6.47 -1.51
N TYR A 378 8.72 -6.33 -1.58
CA TYR A 378 7.99 -5.40 -0.71
C TYR A 378 8.18 -5.75 0.76
N SER A 379 8.48 -4.72 1.55
CA SER A 379 8.70 -4.87 2.98
C SER A 379 8.70 -3.51 3.63
N SER A 380 8.83 -3.52 4.95
CA SER A 380 8.94 -2.34 5.79
C SER A 380 10.22 -1.53 5.54
N VAL A 381 11.19 -2.12 4.85
CA VAL A 381 12.47 -1.45 4.68
C VAL A 381 12.36 -0.06 4.06
N PRO A 382 11.78 0.07 2.86
CA PRO A 382 11.65 1.42 2.28
C PRO A 382 10.91 2.37 3.21
N TYR A 383 9.91 1.86 3.93
CA TYR A 383 9.14 2.65 4.90
C TYR A 383 10.02 3.13 6.04
N GLU A 384 10.76 2.21 6.66
CA GLU A 384 11.41 2.50 7.93
C GLU A 384 12.87 2.91 7.79
N LYS A 385 13.57 2.37 6.80
CA LYS A 385 14.90 2.90 6.51
C LYS A 385 14.75 4.30 5.95
N GLY A 386 13.72 4.50 5.13
CA GLY A 386 13.34 5.80 4.61
C GLY A 386 12.96 6.81 5.68
N PHE A 387 12.18 6.37 6.67
CA PHE A 387 11.86 7.25 7.79
C PHE A 387 13.11 7.60 8.61
N ALA A 388 13.96 6.60 8.86
CA ALA A 388 15.16 6.77 9.68
C ALA A 388 16.09 7.82 9.09
N LEU A 389 16.36 7.72 7.79
CA LEU A 389 17.17 8.72 7.10
C LEU A 389 16.63 10.14 7.30
N LEU A 390 15.35 10.33 6.99
CA LEU A 390 14.73 11.65 7.12
C LEU A 390 14.77 12.14 8.57
N PHE A 391 14.51 11.22 9.51
CA PHE A 391 14.53 11.53 10.93
C PHE A 391 15.92 11.97 11.37
N TYR A 392 16.93 11.21 10.94
CA TYR A 392 18.33 11.49 11.21
C TYR A 392 18.75 12.86 10.69
N LEU A 393 18.36 13.16 9.45
CA LEU A 393 18.67 14.44 8.83
C LEU A 393 17.96 15.57 9.56
N GLU A 394 16.70 15.34 9.95
CA GLU A 394 15.96 16.29 10.77
C GLU A 394 16.73 16.69 12.02
N GLN A 395 17.26 15.71 12.75
CA GLN A 395 18.06 15.99 13.95
C GLN A 395 19.39 16.67 13.59
N LEU A 396 19.94 16.32 12.43
CA LEU A 396 21.21 16.86 11.99
C LEU A 396 21.09 18.31 11.52
N LEU A 397 19.99 18.63 10.82
CA LEU A 397 19.80 19.95 10.23
C LEU A 397 19.14 20.99 11.15
N GLY A 398 18.85 20.60 12.38
CA GLY A 398 18.38 21.54 13.38
C GLY A 398 16.91 21.47 13.77
N GLY A 399 16.30 20.30 13.61
CA GLY A 399 14.98 20.06 14.18
C GLY A 399 13.84 19.98 13.18
N PRO A 400 12.66 19.57 13.68
CA PRO A 400 11.50 19.30 12.83
C PRO A 400 10.98 20.54 12.11
N GLU A 401 11.05 21.70 12.77
CA GLU A 401 10.60 22.96 12.20
C GLU A 401 11.34 23.28 10.89
N ILE A 402 12.68 23.25 10.95
CA ILE A 402 13.51 23.45 9.76
C ILE A 402 13.29 22.38 8.67
N PHE A 403 13.23 21.10 9.07
CA PHE A 403 13.07 20.02 8.10
C PHE A 403 11.70 19.98 7.43
N LEU A 404 10.66 20.42 8.14
CA LEU A 404 9.32 20.51 7.56
C LEU A 404 9.25 21.62 6.50
N GLY A 405 10.06 22.65 6.70
CA GLY A 405 10.29 23.69 5.70
C GLY A 405 10.94 23.15 4.43
N PHE A 406 11.92 22.26 4.56
CA PHE A 406 12.44 21.54 3.41
C PHE A 406 11.33 20.70 2.76
N LEU A 407 10.59 19.95 3.59
CA LEU A 407 9.53 19.09 3.11
C LEU A 407 8.49 19.81 2.26
N LYS A 408 7.96 20.93 2.77
CA LYS A 408 7.01 21.77 2.03
C LYS A 408 7.54 22.25 0.67
N ALA A 409 8.77 22.77 0.66
CA ALA A 409 9.42 23.21 -0.57
C ALA A 409 9.60 22.04 -1.55
N TYR A 410 10.04 20.90 -1.03
CA TYR A 410 10.22 19.67 -1.81
C TYR A 410 8.92 19.24 -2.52
N VAL A 411 7.81 19.24 -1.78
CA VAL A 411 6.50 18.94 -2.36
C VAL A 411 6.15 19.99 -3.42
N GLU A 412 6.50 21.23 -3.15
CA GLU A 412 6.17 22.33 -4.05
C GLU A 412 6.97 22.30 -5.36
N LYS A 413 8.28 22.09 -5.24
CA LYS A 413 9.17 21.98 -6.39
C LYS A 413 8.87 20.77 -7.30
N PHE A 414 8.45 19.64 -6.71
CA PHE A 414 8.28 18.41 -7.47
C PHE A 414 6.83 17.95 -7.65
N SER A 415 5.88 18.80 -7.30
CA SER A 415 4.46 18.50 -7.49
C SER A 415 4.16 18.13 -8.94
N TYR A 416 3.35 17.10 -9.13
CA TYR A 416 2.89 16.66 -10.47
C TYR A 416 4.01 16.04 -11.32
N LYS A 417 5.11 15.67 -10.68
CA LYS A 417 6.30 15.18 -11.37
C LYS A 417 6.73 13.82 -10.84
N SER A 418 7.65 13.19 -11.56
CA SER A 418 8.18 11.87 -11.17
C SER A 418 9.69 11.96 -11.01
N ILE A 419 10.19 11.58 -9.84
CA ILE A 419 11.58 11.87 -9.47
C ILE A 419 12.37 10.68 -8.96
N THR A 420 13.69 10.81 -9.00
CA THR A 420 14.60 9.81 -8.46
C THR A 420 15.22 10.29 -7.13
N THR A 421 15.82 9.34 -6.43
CA THR A 421 16.64 9.60 -5.26
C THR A 421 17.60 10.76 -5.50
N ASP A 422 18.16 10.82 -6.69
CA ASP A 422 19.09 11.88 -7.03
C ASP A 422 18.47 13.28 -7.07
N ASP A 423 17.29 13.40 -7.68
CA ASP A 423 16.56 14.66 -7.65
C ASP A 423 16.36 15.09 -6.20
N TRP A 424 15.83 14.19 -5.38
CA TRP A 424 15.64 14.45 -3.96
C TRP A 424 16.91 14.97 -3.29
N LYS A 425 17.97 14.17 -3.32
CA LYS A 425 19.26 14.54 -2.70
C LYS A 425 19.80 15.86 -3.25
N ASP A 426 19.65 16.08 -4.56
CA ASP A 426 20.13 17.31 -5.19
C ASP A 426 19.36 18.53 -4.67
N PHE A 427 18.05 18.37 -4.51
CA PHE A 427 17.25 19.43 -3.92
C PHE A 427 17.60 19.64 -2.45
N LEU A 428 17.80 18.55 -1.71
CA LEU A 428 18.24 18.66 -0.32
C LEU A 428 19.46 19.58 -0.20
N TYR A 429 20.47 19.38 -1.05
CA TYR A 429 21.69 20.18 -1.03
C TYR A 429 21.44 21.61 -1.48
N SER A 430 20.52 21.77 -2.42
CA SER A 430 20.13 23.07 -2.92
C SER A 430 19.43 23.93 -1.84
N TYR A 431 18.52 23.30 -1.11
CA TYR A 431 17.75 23.95 -0.04
C TYR A 431 18.64 24.31 1.15
N PHE A 432 19.43 23.33 1.60
CA PHE A 432 20.34 23.52 2.72
C PHE A 432 21.76 23.87 2.25
N LYS A 433 21.85 24.80 1.29
CA LYS A 433 23.15 25.22 0.78
C LYS A 433 24.00 25.96 1.83
N ASP A 434 23.33 26.48 2.85
CA ASP A 434 23.98 27.13 3.99
C ASP A 434 24.55 26.10 4.98
N LYS A 435 24.21 24.82 4.75
CA LYS A 435 24.61 23.75 5.64
C LYS A 435 25.29 22.57 4.93
N VAL A 436 25.95 22.85 3.80
CA VAL A 436 26.61 21.82 2.98
C VAL A 436 27.56 20.92 3.77
N ASP A 437 28.33 21.51 4.69
CA ASP A 437 29.32 20.79 5.49
C ASP A 437 28.69 19.72 6.38
N VAL A 438 27.54 20.06 6.97
CA VAL A 438 26.74 19.13 7.77
C VAL A 438 26.24 17.96 6.91
N LEU A 439 25.76 18.29 5.71
CA LEU A 439 25.31 17.28 4.75
C LEU A 439 26.42 16.35 4.26
N ASN A 440 27.67 16.81 4.27
CA ASN A 440 28.79 15.96 3.85
C ASN A 440 29.29 15.02 4.95
N GLN A 441 28.74 15.19 6.15
CA GLN A 441 29.08 14.31 7.27
C GLN A 441 28.30 13.01 7.19
N VAL A 442 27.18 13.02 6.46
CA VAL A 442 26.33 11.84 6.36
C VAL A 442 26.89 10.83 5.37
N ASP A 443 26.87 9.55 5.77
CA ASP A 443 27.38 8.47 4.95
C ASP A 443 26.34 8.11 3.88
N TRP A 444 26.23 8.98 2.88
CA TRP A 444 25.29 8.81 1.78
C TRP A 444 25.35 7.42 1.16
N ASN A 445 26.56 6.97 0.83
CA ASN A 445 26.75 5.65 0.26
C ASN A 445 26.06 4.56 1.10
N ALA A 446 26.38 4.50 2.39
CA ALA A 446 25.84 3.47 3.26
C ALA A 446 24.33 3.57 3.42
N TRP A 447 23.81 4.79 3.54
CA TRP A 447 22.39 4.97 3.78
C TRP A 447 21.57 4.53 2.56
N LEU A 448 22.04 4.91 1.39
CA LEU A 448 21.30 4.72 0.15
C LEU A 448 21.47 3.32 -0.43
N TYR A 449 22.68 2.78 -0.34
CA TYR A 449 23.08 1.63 -1.17
C TYR A 449 23.63 0.44 -0.39
N SER A 450 23.77 0.58 0.92
CA SER A 450 24.30 -0.51 1.73
C SER A 450 23.15 -1.32 2.34
N PRO A 451 23.33 -2.63 2.42
CA PRO A 451 22.33 -3.49 3.08
C PRO A 451 22.40 -3.33 4.59
N GLY A 452 21.43 -3.93 5.28
CA GLY A 452 21.41 -3.99 6.72
C GLY A 452 20.82 -2.78 7.41
N LEU A 453 21.06 -2.73 8.72
CA LEU A 453 20.75 -1.56 9.53
C LEU A 453 21.60 -0.36 9.07
N PRO A 454 20.99 0.83 9.08
CA PRO A 454 21.69 2.08 8.73
C PRO A 454 22.97 2.27 9.54
N PRO A 455 23.94 3.01 8.98
CA PRO A 455 25.23 3.23 9.67
C PRO A 455 25.11 4.01 10.99
N ILE A 456 23.97 4.66 11.22
CA ILE A 456 23.76 5.43 12.43
C ILE A 456 22.29 5.38 12.89
N LYS A 457 22.07 5.21 14.19
CA LYS A 457 20.73 5.26 14.76
C LYS A 457 20.44 6.69 15.25
N PRO A 458 19.30 7.25 14.84
CA PRO A 458 18.86 8.55 15.35
C PRO A 458 18.66 8.58 16.87
N ASN A 459 18.44 9.76 17.41
CA ASN A 459 18.15 9.93 18.83
C ASN A 459 16.65 9.83 19.11
N TYR A 460 16.27 8.98 20.07
CA TYR A 460 14.86 8.80 20.40
C TYR A 460 14.55 9.14 21.85
N ASP A 461 13.57 10.02 22.05
CA ASP A 461 12.96 10.22 23.37
C ASP A 461 12.30 8.91 23.82
N MET A 462 12.41 8.61 25.11
CA MET A 462 12.07 7.28 25.65
C MET A 462 10.89 7.25 26.64
N THR A 463 10.25 8.40 26.86
CA THR A 463 9.20 8.51 27.89
C THR A 463 8.19 7.36 27.85
N LEU A 464 7.59 7.15 26.69
CA LEU A 464 6.49 6.21 26.56
C LEU A 464 6.96 4.79 26.29
N THR A 465 8.25 4.66 26.01
CA THR A 465 8.86 3.38 25.67
C THR A 465 9.36 2.62 26.91
N ASN A 466 9.86 3.35 27.91
CA ASN A 466 10.45 2.76 29.10
C ASN A 466 9.61 1.69 29.76
N ALA A 467 8.31 1.95 29.91
CA ALA A 467 7.40 0.99 30.52
C ALA A 467 7.26 -0.28 29.67
N CYS A 468 7.49 -0.15 28.36
CA CYS A 468 7.47 -1.30 27.45
C CYS A 468 8.70 -2.20 27.61
N ILE A 469 9.86 -1.56 27.75
CA ILE A 469 11.12 -2.28 27.93
C ILE A 469 11.13 -2.98 29.29
N ALA A 470 10.75 -2.23 30.34
CA ALA A 470 10.69 -2.77 31.69
C ALA A 470 9.90 -4.08 31.77
N LEU A 471 8.74 -4.12 31.10
CA LEU A 471 7.84 -5.27 31.17
C LEU A 471 8.31 -6.39 30.26
N SER A 472 8.72 -6.05 29.04
CA SER A 472 9.23 -7.07 28.13
C SER A 472 10.46 -7.75 28.76
N GLN A 473 11.40 -6.97 29.28
CA GLN A 473 12.59 -7.53 29.90
C GLN A 473 12.24 -8.46 31.06
N ARG A 474 11.24 -8.07 31.85
CA ARG A 474 10.80 -8.86 33.01
C ARG A 474 10.34 -10.26 32.58
N TRP A 475 9.58 -10.33 31.49
CA TRP A 475 9.11 -11.58 30.92
C TRP A 475 10.24 -12.38 30.27
N ILE A 476 11.08 -11.69 29.50
CA ILE A 476 12.17 -12.35 28.79
C ILE A 476 13.17 -13.02 29.75
N THR A 477 13.47 -12.37 30.88
CA THR A 477 14.36 -12.92 31.91
C THR A 477 13.62 -13.65 33.05
N ALA A 478 12.31 -13.83 32.93
CA ALA A 478 11.52 -14.46 34.00
C ALA A 478 11.98 -15.87 34.37
N LYS A 479 12.02 -16.16 35.66
CA LYS A 479 12.22 -17.53 36.18
C LYS A 479 10.95 -17.99 36.90
N GLU A 480 10.97 -19.20 37.47
CA GLU A 480 9.78 -19.74 38.14
C GLU A 480 9.21 -18.80 39.21
N ASP A 481 10.10 -18.22 40.01
CA ASP A 481 9.69 -17.40 41.15
C ASP A 481 9.27 -15.96 40.82
N ASP A 482 9.20 -15.64 39.52
CA ASP A 482 8.65 -14.36 39.08
C ASP A 482 7.22 -14.50 38.61
N LEU A 483 6.85 -15.71 38.22
CA LEU A 483 5.56 -15.97 37.57
C LEU A 483 4.36 -15.50 38.40
N ASN A 484 4.41 -15.72 39.71
CA ASN A 484 3.30 -15.32 40.59
C ASN A 484 3.16 -13.80 40.85
N SER A 485 4.23 -13.04 40.63
CA SER A 485 4.18 -11.58 40.77
C SER A 485 3.59 -10.85 39.55
N PHE A 486 3.59 -11.49 38.38
CA PHE A 486 2.94 -10.92 37.21
C PHE A 486 1.44 -10.80 37.45
N ASN A 487 0.86 -9.69 36.98
CA ASN A 487 -0.52 -9.33 37.32
C ASN A 487 -1.16 -8.39 36.29
N ALA A 488 -2.48 -8.34 36.26
CA ALA A 488 -3.26 -7.41 35.44
C ALA A 488 -2.87 -5.94 35.66
N THR A 489 -2.51 -5.61 36.91
CA THR A 489 -1.99 -4.28 37.25
C THR A 489 -0.74 -3.86 36.43
N ASP A 490 -0.01 -4.81 35.87
CA ASP A 490 1.14 -4.50 35.01
C ASP A 490 0.71 -3.64 33.81
N LEU A 491 -0.57 -3.76 33.46
CA LEU A 491 -1.10 -3.17 32.22
C LEU A 491 -1.85 -1.87 32.45
N LYS A 492 -2.04 -1.51 33.72
CA LYS A 492 -2.93 -0.42 34.12
C LYS A 492 -2.66 0.96 33.48
N ASP A 493 -1.40 1.34 33.33
CA ASP A 493 -1.09 2.65 32.75
C ASP A 493 -0.56 2.57 31.31
N LEU A 494 -0.77 1.41 30.68
CA LEU A 494 -0.33 1.19 29.30
C LEU A 494 -1.45 1.42 28.30
N SER A 495 -1.14 2.17 27.25
CA SER A 495 -2.08 2.35 26.14
C SER A 495 -2.05 1.11 25.25
N SER A 496 -3.03 0.99 24.35
CA SER A 496 -3.03 -0.09 23.39
C SER A 496 -1.74 -0.10 22.53
N HIS A 497 -1.24 1.09 22.20
CA HIS A 497 0.03 1.22 21.47
C HIS A 497 1.23 0.67 22.25
N GLN A 498 1.23 0.88 23.57
CA GLN A 498 2.29 0.39 24.44
C GLN A 498 2.23 -1.12 24.64
N LEU A 499 1.01 -1.64 24.76
CA LEU A 499 0.75 -3.09 24.79
C LEU A 499 1.32 -3.74 23.54
N ASN A 500 1.03 -3.14 22.39
CA ASN A 500 1.56 -3.62 21.12
C ASN A 500 3.09 -3.61 21.10
N GLU A 501 3.68 -2.53 21.60
CA GLU A 501 5.13 -2.38 21.64
C GLU A 501 5.77 -3.40 22.60
N PHE A 502 5.13 -3.62 23.74
CA PHE A 502 5.50 -4.68 24.65
C PHE A 502 5.59 -6.05 23.95
N LEU A 503 4.53 -6.44 23.26
CA LEU A 503 4.53 -7.69 22.50
C LEU A 503 5.58 -7.73 21.37
N ALA A 504 5.71 -6.63 20.62
CA ALA A 504 6.75 -6.55 19.58
C ALA A 504 8.12 -6.84 20.17
N GLN A 505 8.44 -6.16 21.27
CA GLN A 505 9.69 -6.34 21.99
C GLN A 505 9.89 -7.78 22.50
N THR A 506 8.82 -8.38 23.01
CA THR A 506 8.88 -9.77 23.50
C THR A 506 9.01 -10.77 22.36
N LEU A 507 8.38 -10.45 21.22
CA LEU A 507 8.44 -11.28 20.03
C LEU A 507 9.87 -11.36 19.47
N GLN A 508 10.65 -10.29 19.64
CA GLN A 508 12.04 -10.32 19.18
C GLN A 508 12.90 -11.36 19.94
N ARG A 509 12.44 -11.77 21.13
CA ARG A 509 13.17 -12.78 21.90
C ARG A 509 12.49 -14.15 21.98
N ALA A 510 11.51 -14.38 21.10
CA ALA A 510 10.86 -15.69 20.99
C ALA A 510 11.83 -16.77 20.50
N PRO A 511 11.65 -18.04 20.91
CA PRO A 511 10.54 -18.47 21.78
C PRO A 511 10.76 -18.13 23.25
N LEU A 512 9.67 -17.89 23.96
CA LEU A 512 9.68 -17.87 25.42
C LEU A 512 9.21 -19.28 25.86
N PRO A 513 9.55 -19.70 27.08
CA PRO A 513 9.12 -21.03 27.57
C PRO A 513 7.60 -21.16 27.54
N LEU A 514 7.10 -22.32 27.16
CA LEU A 514 5.65 -22.56 27.11
C LEU A 514 4.92 -22.12 28.38
N GLY A 515 5.42 -22.52 29.55
CA GLY A 515 4.79 -22.18 30.82
C GLY A 515 4.60 -20.67 31.01
N HIS A 516 5.57 -19.90 30.52
CA HIS A 516 5.57 -18.44 30.64
C HIS A 516 4.46 -17.80 29.80
N ILE A 517 4.33 -18.25 28.54
CA ILE A 517 3.27 -17.77 27.66
C ILE A 517 1.87 -18.12 28.18
N LYS A 518 1.73 -19.33 28.72
CA LYS A 518 0.48 -19.72 29.38
C LYS A 518 0.17 -18.77 30.53
N ARG A 519 1.19 -18.43 31.32
CA ARG A 519 1.03 -17.51 32.42
C ARG A 519 0.69 -16.10 31.95
N MET A 520 1.25 -15.70 30.80
CA MET A 520 0.92 -14.40 30.20
C MET A 520 -0.57 -14.25 29.90
N GLN A 521 -1.19 -15.30 29.37
CA GLN A 521 -2.62 -15.29 29.06
C GLN A 521 -3.44 -15.38 30.35
N GLU A 522 -2.90 -16.09 31.32
CA GLU A 522 -3.51 -16.21 32.63
C GLU A 522 -3.65 -14.85 33.32
N VAL A 523 -2.64 -13.98 33.18
CA VAL A 523 -2.65 -12.68 33.86
C VAL A 523 -3.07 -11.47 33.02
N TYR A 524 -2.91 -11.55 31.71
CA TYR A 524 -3.24 -10.42 30.84
C TYR A 524 -4.49 -10.59 29.98
N ASN A 525 -4.86 -11.85 29.70
CA ASN A 525 -5.98 -12.18 28.83
C ASN A 525 -5.88 -11.49 27.47
N PHE A 526 -4.73 -11.68 26.82
CA PHE A 526 -4.46 -11.19 25.46
C PHE A 526 -5.34 -11.86 24.38
N ASN A 527 -5.95 -13.00 24.68
CA ASN A 527 -6.86 -13.65 23.73
C ASN A 527 -8.16 -12.88 23.52
N ALA A 528 -8.54 -12.08 24.52
CA ALA A 528 -9.81 -11.35 24.48
C ALA A 528 -9.69 -10.03 23.70
N ILE A 529 -8.47 -9.73 23.23
CA ILE A 529 -8.21 -8.47 22.57
C ILE A 529 -8.34 -8.60 21.05
N ASN A 530 -9.15 -7.71 20.46
CA ASN A 530 -9.47 -7.78 19.04
C ASN A 530 -8.67 -6.83 18.17
N ASN A 531 -7.91 -5.95 18.82
CA ASN A 531 -6.97 -5.08 18.11
C ASN A 531 -6.07 -5.97 17.25
N SER A 532 -6.22 -5.84 15.95
CA SER A 532 -5.51 -6.72 15.01
C SER A 532 -4.01 -6.71 15.22
N GLU A 533 -3.44 -5.53 15.51
CA GLU A 533 -2.01 -5.39 15.66
C GLU A 533 -1.52 -6.15 16.88
N ILE A 534 -2.23 -6.00 17.99
CA ILE A 534 -1.91 -6.71 19.23
C ILE A 534 -2.11 -8.21 19.06
N ARG A 535 -3.25 -8.60 18.49
CA ARG A 535 -3.59 -10.02 18.34
C ARG A 535 -2.54 -10.73 17.49
N PHE A 536 -2.14 -10.06 16.41
CA PHE A 536 -1.16 -10.57 15.47
C PHE A 536 0.13 -10.92 16.21
N ARG A 537 0.74 -9.94 16.85
CA ARG A 537 2.00 -10.16 17.56
C ARG A 537 1.85 -11.19 18.69
N TRP A 538 0.76 -11.06 19.44
CA TRP A 538 0.45 -12.04 20.48
C TRP A 538 0.36 -13.49 19.96
N LEU A 539 -0.36 -13.70 18.87
CA LEU A 539 -0.51 -15.04 18.32
C LEU A 539 0.78 -15.60 17.73
N ARG A 540 1.64 -14.71 17.25
CA ARG A 540 2.96 -15.10 16.74
C ARG A 540 3.82 -15.59 17.89
N LEU A 541 3.88 -14.78 18.96
CA LEU A 541 4.56 -15.18 20.19
C LEU A 541 4.10 -16.56 20.65
N CYS A 542 2.79 -16.81 20.58
CA CYS A 542 2.23 -18.07 21.05
C CYS A 542 2.62 -19.24 20.16
N ILE A 543 2.56 -19.03 18.85
CA ILE A 543 2.89 -20.08 17.89
C ILE A 543 4.38 -20.39 17.95
N GLN A 544 5.18 -19.33 18.00
CA GLN A 544 6.64 -19.48 18.08
C GLN A 544 7.10 -20.09 19.41
N SER A 545 6.28 -19.96 20.45
CA SER A 545 6.59 -20.55 21.74
C SER A 545 5.96 -21.93 21.94
N LYS A 546 5.46 -22.50 20.86
CA LYS A 546 5.00 -23.89 20.80
C LYS A 546 3.70 -24.17 21.56
N TRP A 547 2.83 -23.17 21.66
CA TRP A 547 1.53 -23.33 22.30
C TRP A 547 0.52 -23.91 21.31
N GLU A 548 0.13 -25.17 21.52
CA GLU A 548 -0.77 -25.86 20.61
C GLU A 548 -2.18 -25.27 20.57
N ASP A 549 -2.64 -24.73 21.69
CA ASP A 549 -3.99 -24.17 21.78
C ASP A 549 -4.16 -22.92 20.92
N ALA A 550 -3.04 -22.25 20.60
CA ALA A 550 -3.05 -21.06 19.73
C ALA A 550 -3.18 -21.39 18.24
N ILE A 551 -2.95 -22.65 17.86
CA ILE A 551 -3.06 -23.06 16.46
C ILE A 551 -4.38 -22.63 15.79
N PRO A 552 -5.54 -23.03 16.33
CA PRO A 552 -6.81 -22.60 15.73
C PRO A 552 -7.04 -21.09 15.76
N LEU A 553 -6.51 -20.39 16.76
CA LEU A 553 -6.61 -18.93 16.81
C LEU A 553 -5.80 -18.27 15.67
N ALA A 554 -4.57 -18.69 15.48
CA ALA A 554 -3.74 -18.19 14.37
C ALA A 554 -4.26 -18.62 12.99
N LEU A 555 -4.82 -19.81 12.90
CA LEU A 555 -5.46 -20.27 11.65
C LEU A 555 -6.67 -19.42 11.30
N LYS A 556 -7.52 -19.19 12.29
CA LYS A 556 -8.69 -18.31 12.17
C LYS A 556 -8.27 -16.94 11.62
N MET A 557 -7.38 -16.25 12.32
CA MET A 557 -6.97 -14.91 11.93
C MET A 557 -6.27 -14.84 10.56
N ALA A 558 -5.45 -15.84 10.23
CA ALA A 558 -4.71 -15.83 8.97
C ALA A 558 -5.61 -15.94 7.73
N THR A 559 -6.77 -16.59 7.90
CA THR A 559 -7.68 -16.85 6.79
C THR A 559 -9.00 -16.05 6.86
N GLU A 560 -9.32 -15.53 8.04
CA GLU A 560 -10.53 -14.70 8.21
C GLU A 560 -10.28 -13.25 7.80
N GLN A 561 -9.02 -12.95 7.48
CA GLN A 561 -8.63 -11.67 6.89
C GLN A 561 -7.39 -11.89 6.02
N GLY A 562 -7.18 -10.98 5.07
CA GLY A 562 -6.18 -11.17 4.05
C GLY A 562 -4.98 -10.24 4.08
N ARG A 563 -5.01 -9.23 4.93
CA ARG A 563 -3.90 -8.28 5.06
C ARG A 563 -2.57 -9.01 5.19
N MET A 564 -1.70 -8.85 4.18
CA MET A 564 -0.48 -9.65 4.04
C MET A 564 0.49 -9.50 5.21
N LYS A 565 0.52 -8.32 5.83
CA LYS A 565 1.34 -8.09 7.00
C LYS A 565 0.95 -9.04 8.17
N PHE A 566 -0.32 -9.41 8.25
CA PHE A 566 -0.77 -10.39 9.24
C PHE A 566 -0.76 -11.82 8.68
N THR A 567 -1.34 -11.99 7.49
CA THR A 567 -1.59 -13.31 6.91
C THR A 567 -0.33 -14.08 6.60
N ARG A 568 0.67 -13.41 6.02
CA ARG A 568 1.88 -14.10 5.60
C ARG A 568 2.67 -14.71 6.77
N PRO A 569 3.07 -13.90 7.74
CA PRO A 569 3.88 -14.43 8.84
C PRO A 569 3.14 -15.42 9.73
N LEU A 570 1.82 -15.28 9.82
CA LEU A 570 1.02 -16.25 10.55
C LEU A 570 1.15 -17.62 9.89
N PHE A 571 1.01 -17.66 8.56
CA PHE A 571 1.16 -18.90 7.82
C PHE A 571 2.58 -19.44 7.95
N LYS A 572 3.56 -18.56 7.95
CA LYS A 572 4.97 -18.96 8.04
C LYS A 572 5.26 -19.58 9.40
N ASP A 573 4.80 -18.91 10.46
CA ASP A 573 4.97 -19.38 11.83
C ASP A 573 4.27 -20.72 12.04
N LEU A 574 3.10 -20.89 11.41
CA LEU A 574 2.33 -22.11 11.54
C LEU A 574 2.99 -23.25 10.77
N ALA A 575 3.68 -22.92 9.68
CA ALA A 575 4.45 -23.90 8.90
C ALA A 575 5.72 -24.32 9.63
N ALA A 576 6.29 -23.42 10.42
CA ALA A 576 7.52 -23.70 11.17
C ALA A 576 7.28 -24.50 12.46
N PHE A 577 6.07 -24.40 13.00
CA PHE A 577 5.66 -25.16 14.18
C PHE A 577 5.23 -26.55 13.71
N ASP A 578 5.97 -27.58 14.13
CA ASP A 578 5.74 -28.93 13.60
C ASP A 578 4.33 -29.48 13.86
N LYS A 579 3.71 -29.05 14.96
CA LYS A 579 2.34 -29.45 15.30
C LYS A 579 1.28 -28.92 14.33
N SER A 580 1.54 -27.75 13.76
CA SER A 580 0.58 -27.07 12.90
C SER A 580 0.90 -27.13 11.40
N HIS A 581 2.11 -27.56 11.06
CA HIS A 581 2.60 -27.54 9.68
C HIS A 581 1.59 -28.10 8.66
N ASP A 582 1.24 -29.38 8.81
CA ASP A 582 0.32 -30.04 7.88
C ASP A 582 -0.98 -29.26 7.75
N GLN A 583 -1.56 -28.87 8.88
CA GLN A 583 -2.79 -28.08 8.90
C GLN A 583 -2.64 -26.71 8.19
N ALA A 584 -1.52 -26.03 8.42
CA ALA A 584 -1.22 -24.77 7.72
C ALA A 584 -1.24 -24.94 6.19
N VAL A 585 -0.55 -25.95 5.70
CA VAL A 585 -0.48 -26.22 4.27
C VAL A 585 -1.85 -26.60 3.71
N ARG A 586 -2.56 -27.48 4.43
CA ARG A 586 -3.89 -27.91 4.04
C ARG A 586 -4.88 -26.73 4.00
N THR A 587 -4.83 -25.86 5.01
CA THR A 587 -5.74 -24.72 5.11
C THR A 587 -5.54 -23.74 3.95
N TYR A 588 -4.27 -23.49 3.60
CA TYR A 588 -3.96 -22.66 2.43
C TYR A 588 -4.49 -23.25 1.12
N GLN A 589 -4.41 -24.57 0.95
CA GLN A 589 -4.85 -25.22 -0.28
C GLN A 589 -6.36 -25.09 -0.46
N GLU A 590 -7.09 -25.11 0.65
CA GLU A 590 -8.55 -24.97 0.67
C GLU A 590 -9.00 -23.54 0.41
N HIS A 591 -8.18 -22.59 0.82
CA HIS A 591 -8.55 -21.17 0.81
C HIS A 591 -8.01 -20.40 -0.40
N LYS A 592 -7.07 -20.99 -1.13
CA LYS A 592 -6.32 -20.23 -2.14
C LYS A 592 -7.14 -19.74 -3.33
N ALA A 593 -8.14 -20.53 -3.73
CA ALA A 593 -9.02 -20.20 -4.86
C ALA A 593 -9.89 -18.98 -4.58
N SER A 594 -10.19 -18.77 -3.30
CA SER A 594 -11.05 -17.66 -2.90
C SER A 594 -10.26 -16.53 -2.24
N MET A 595 -8.93 -16.67 -2.22
CA MET A 595 -8.05 -15.61 -1.75
C MET A 595 -7.79 -14.60 -2.84
N HIS A 596 -7.17 -13.47 -2.47
CA HIS A 596 -6.67 -12.47 -3.42
C HIS A 596 -5.50 -13.09 -4.22
N PRO A 597 -5.43 -12.87 -5.53
CA PRO A 597 -4.37 -13.50 -6.35
C PRO A 597 -2.94 -13.24 -5.88
N VAL A 598 -2.61 -11.99 -5.55
CA VAL A 598 -1.25 -11.66 -5.10
C VAL A 598 -0.95 -12.33 -3.76
N THR A 599 -1.89 -12.22 -2.82
CA THR A 599 -1.77 -12.86 -1.52
C THR A 599 -1.59 -14.39 -1.65
N ALA A 600 -2.40 -15.01 -2.49
CA ALA A 600 -2.28 -16.44 -2.77
C ALA A 600 -0.90 -16.82 -3.26
N MET A 601 -0.40 -16.12 -4.28
CA MET A 601 0.92 -16.40 -4.86
C MET A 601 2.02 -16.23 -3.82
N LEU A 602 1.94 -15.18 -3.00
CA LEU A 602 2.95 -14.93 -1.97
C LEU A 602 2.97 -15.98 -0.84
N VAL A 603 1.79 -16.26 -0.28
CA VAL A 603 1.65 -17.31 0.75
C VAL A 603 2.09 -18.68 0.22
N GLY A 604 1.74 -18.96 -1.02
CA GLY A 604 2.17 -20.18 -1.69
C GLY A 604 3.69 -20.32 -1.80
N LYS A 605 4.37 -19.23 -2.12
CA LYS A 605 5.83 -19.19 -2.17
C LYS A 605 6.45 -19.27 -0.78
N ASP A 606 5.82 -18.59 0.19
CA ASP A 606 6.22 -18.69 1.59
C ASP A 606 6.24 -20.13 2.10
N LEU A 607 5.25 -20.91 1.66
CA LEU A 607 5.01 -22.27 2.14
C LEU A 607 5.70 -23.36 1.30
N LYS A 608 6.27 -22.94 0.17
CA LYS A 608 6.99 -23.83 -0.75
C LYS A 608 6.09 -24.88 -1.41
N VAL A 609 4.90 -24.48 -1.81
CA VAL A 609 4.01 -25.37 -2.56
C VAL A 609 3.66 -24.81 -3.94
N ASP A 610 3.39 -25.71 -4.88
CA ASP A 610 3.08 -25.39 -6.27
C ASP A 610 4.32 -25.07 -7.11
ZN ZN B . 2.52 4.38 1.95
YB YB C . 14.37 -15.05 41.09
YB YB D . -14.57 -11.41 -27.25
YB YB E . -16.04 -12.41 -22.94
N1 IMD F . 9.91 -3.16 18.52
C2 IMD F . 8.92 -2.46 17.91
N3 IMD F . 8.53 -3.11 16.78
C4 IMD F . 9.29 -4.24 16.69
C5 IMD F . 10.16 -4.26 17.79
O9 4BU G . 2.60 0.10 -1.43
C8 4BU G . 1.79 -0.77 -1.84
C7 4BU G . 0.45 -0.94 -1.19
C6 4BU G . 0.56 -0.05 0.09
C4 4BU G . 0.26 1.49 0.10
N5 4BU G . 1.05 2.22 -0.91
C2 4BU G . 0.53 2.17 1.38
O3 4BU G . -0.32 2.33 2.27
O1 4BU G . 1.67 2.63 1.60
N10 4BU G . 2.12 -1.59 -2.88
C12 4BU G . 3.37 -1.85 -3.36
C13 4BU G . 3.69 -3.17 -3.73
C14 4BU G . 4.98 -3.48 -4.24
C15 4BU G . 5.96 -2.48 -4.38
C16 4BU G . 5.65 -1.15 -4.02
C17 4BU G . 4.37 -0.84 -3.52
O18 4BU G . 7.18 -2.85 -4.85
C19 4BU G . 8.46 -2.18 -4.92
C20 4BU G . 9.14 -2.73 -3.62
O21 4BU G . 9.29 -4.14 -3.84
C23 4BU G . 10.41 -2.07 -3.15
C24 4BU G . 10.99 -0.94 -3.77
C25 4BU G . 12.17 -0.35 -3.25
C26 4BU G . 12.77 -0.90 -2.10
C27 4BU G . 12.22 -2.03 -1.47
C28 4BU G . 11.04 -2.60 -1.99
#